data_3S99
#
_entry.id   3S99
#
_cell.length_a   83.640
_cell.length_b   85.850
_cell.length_c   95.240
_cell.angle_alpha   90.00
_cell.angle_beta   90.00
_cell.angle_gamma   90.00
#
_symmetry.space_group_name_H-M   'C 2 2 21'
#
loop_
_entity.id
_entity.type
_entity.pdbx_description
1 polymer 'Basic membrane lipoprotein'
2 non-polymer 'IODIDE ION'
3 non-polymer 'MAGNESIUM ION'
4 non-polymer ADENINE
5 water water
#
_entity_poly.entity_id   1
_entity_poly.type   'polypeptide(L)'
_entity_poly.pdbx_seq_one_letter_code
;MAHHHHHHMGTLEAQTQGPGSMAEEKLKVGFIYIGPPGDFGWTYQHDQARKELVEALGDKVETTFLENVAEGADAERSIK
RIARAGNKLIFTTSFGYMDPTVKVAKKFPDVKFEHATGYKTADNMSAYNARFYEGRYVQGVIAAKMSKKGIAGYIGSVPV
PEVVQGINSFMLGAQSVNPDFRVKVIWVNSWFDPGKEADAAKALIDQGVDIITQHTDSTAAIQVAHDRGIKAFGQASDMI
KFAPDTQLTAVVDEWGPYYIDRAKAVLDGTWKSQNIWWGMKEGLVKMAPFTNMPDDVKKLAEETEARIKSGELNPFTGPI
KKQDGSEWLKAGEKADDQTLLGMNFYVAGVDDKLPQ
;
_entity_poly.pdbx_strand_id   A
#
# COMPACT_ATOMS: atom_id res chain seq x y z
N LYS A 26 -4.38 -1.44 -32.02
CA LYS A 26 -4.59 -1.62 -30.55
C LYS A 26 -3.87 -0.54 -29.75
N LEU A 27 -4.45 -0.11 -28.63
CA LEU A 27 -3.76 0.76 -27.69
C LEU A 27 -2.62 0.01 -27.01
N LYS A 28 -1.42 0.51 -27.19
CA LYS A 28 -0.27 0.00 -26.49
C LYS A 28 -0.17 0.63 -25.09
N VAL A 29 -0.29 -0.20 -24.06
CA VAL A 29 -0.28 0.23 -22.67
C VAL A 29 0.97 -0.35 -21.99
N GLY A 30 1.78 0.49 -21.35
CA GLY A 30 2.98 0.02 -20.65
C GLY A 30 2.95 0.16 -19.14
N PHE A 31 3.75 -0.69 -18.49
CA PHE A 31 3.84 -0.76 -17.04
C PHE A 31 5.32 -0.82 -16.65
N ILE A 32 5.67 -0.05 -15.62
CA ILE A 32 6.98 -0.10 -14.99
C ILE A 32 6.80 -0.58 -13.54
N TYR A 33 7.47 -1.69 -13.17
CA TYR A 33 7.37 -2.23 -11.83
C TYR A 33 8.72 -2.06 -11.09
N ILE A 34 8.66 -1.76 -9.81
CA ILE A 34 9.84 -1.63 -8.96
C ILE A 34 10.36 -3.04 -8.55
N GLY A 35 9.50 -4.04 -8.58
CA GLY A 35 9.92 -5.42 -8.32
C GLY A 35 9.44 -6.39 -9.39
N PRO A 36 9.46 -7.70 -9.07
CA PRO A 36 8.96 -8.70 -9.97
C PRO A 36 7.54 -9.12 -9.59
N PRO A 37 6.72 -9.50 -10.56
CA PRO A 37 5.45 -10.13 -10.25
C PRO A 37 5.59 -11.31 -9.25
N GLY A 38 6.71 -12.00 -9.33
CA GLY A 38 7.06 -13.02 -8.35
C GLY A 38 7.14 -12.59 -6.89
N ASP A 39 7.02 -11.28 -6.59
CA ASP A 39 6.97 -10.87 -5.18
C ASP A 39 5.71 -11.38 -4.45
N PHE A 40 4.69 -11.75 -5.24
CA PHE A 40 3.38 -12.20 -4.75
C PHE A 40 2.76 -11.21 -3.74
N GLY A 41 3.08 -9.93 -3.93
CA GLY A 41 2.59 -8.82 -3.10
C GLY A 41 2.31 -7.61 -3.99
N TRP A 42 3.10 -6.56 -3.80
CA TRP A 42 2.87 -5.26 -4.41
C TRP A 42 2.93 -5.31 -5.92
N THR A 43 4.05 -5.78 -6.48
CA THR A 43 4.17 -5.77 -7.94
C THR A 43 3.21 -6.80 -8.57
N TYR A 44 3.05 -7.92 -7.86
CA TYR A 44 2.13 -8.97 -8.30
C TYR A 44 0.70 -8.43 -8.48
N GLN A 45 0.20 -7.68 -7.50
CA GLN A 45 -1.12 -7.05 -7.58
C GLN A 45 -1.21 -6.09 -8.76
N HIS A 46 -0.17 -5.28 -9.00
CA HIS A 46 -0.16 -4.48 -10.23
C HIS A 46 -0.28 -5.34 -11.48
N ASP A 47 0.45 -6.46 -11.52
CA ASP A 47 0.50 -7.27 -12.72
C ASP A 47 -0.76 -8.09 -12.86
N GLN A 48 -1.37 -8.50 -11.75
CA GLN A 48 -2.69 -9.17 -11.82
C GLN A 48 -3.73 -8.19 -12.35
N ALA A 49 -3.57 -6.91 -12.05
CA ALA A 49 -4.46 -5.85 -12.56
C ALA A 49 -4.17 -5.58 -14.04
N ARG A 50 -2.91 -5.67 -14.45
CA ARG A 50 -2.62 -5.65 -15.89
C ARG A 50 -3.38 -6.77 -16.60
N LYS A 51 -3.32 -7.98 -16.03
CA LYS A 51 -4.03 -9.13 -16.60
C LYS A 51 -5.55 -8.95 -16.66
N GLU A 52 -6.12 -8.29 -15.65
CA GLU A 52 -7.55 -7.94 -15.66
C GLU A 52 -7.87 -6.99 -16.82
N LEU A 53 -6.99 -6.03 -17.04
CA LEU A 53 -7.12 -5.14 -18.20
C LEU A 53 -7.13 -5.94 -19.50
N VAL A 54 -6.17 -6.87 -19.67
CA VAL A 54 -6.07 -7.62 -20.92
C VAL A 54 -7.34 -8.48 -21.13
N GLU A 55 -7.86 -9.05 -20.06
CA GLU A 55 -9.06 -9.85 -20.13
C GLU A 55 -10.26 -9.00 -20.52
N ALA A 56 -10.40 -7.80 -19.97
CA ALA A 56 -11.54 -6.92 -20.29
C ALA A 56 -11.41 -6.23 -21.64
N LEU A 57 -10.20 -5.80 -22.01
CA LEU A 57 -10.02 -5.05 -23.26
C LEU A 57 -8.93 -5.64 -24.16
N GLY A 58 -8.77 -6.95 -24.10
CA GLY A 58 -7.74 -7.65 -24.88
C GLY A 58 -7.75 -7.41 -26.37
N ASP A 59 -8.94 -7.32 -26.96
CA ASP A 59 -9.07 -7.10 -28.39
C ASP A 59 -8.62 -5.69 -28.80
N LYS A 60 -8.69 -4.73 -27.89
CA LYS A 60 -8.38 -3.35 -28.22
C LYS A 60 -7.09 -2.83 -27.54
N VAL A 61 -6.52 -3.60 -26.61
CA VAL A 61 -5.30 -3.18 -25.88
C VAL A 61 -4.20 -4.25 -25.95
N GLU A 62 -2.95 -3.78 -25.89
CA GLU A 62 -1.77 -4.60 -25.89
C GLU A 62 -0.86 -4.08 -24.77
N THR A 63 -0.43 -4.95 -23.86
CA THR A 63 0.35 -4.50 -22.73
C THR A 63 1.81 -4.97 -22.79
N THR A 64 2.69 -4.13 -22.20
CA THR A 64 4.13 -4.45 -22.06
C THR A 64 4.55 -4.03 -20.67
N PHE A 65 5.46 -4.77 -20.06
CA PHE A 65 6.08 -4.28 -18.81
C PHE A 65 7.59 -4.48 -18.67
N LEU A 66 8.15 -3.71 -17.76
CA LEU A 66 9.55 -3.88 -17.31
C LEU A 66 9.48 -3.99 -15.82
N GLU A 67 10.34 -4.84 -15.24
CA GLU A 67 10.29 -5.09 -13.82
C GLU A 67 11.63 -4.77 -13.15
N ASN A 68 11.63 -4.71 -11.83
CA ASN A 68 12.84 -4.41 -11.05
C ASN A 68 13.53 -3.13 -11.56
N VAL A 69 12.73 -2.13 -11.93
CA VAL A 69 13.25 -0.86 -12.42
C VAL A 69 13.51 0.05 -11.19
N ALA A 70 14.79 0.37 -10.96
CA ALA A 70 15.19 1.23 -9.83
C ALA A 70 14.73 2.67 -10.04
N GLU A 71 14.57 3.43 -8.94
CA GLU A 71 14.31 4.88 -9.01
C GLU A 71 15.48 5.62 -9.66
N GLY A 72 15.23 6.82 -10.16
CA GLY A 72 16.29 7.66 -10.69
C GLY A 72 16.59 7.37 -12.15
N ALA A 73 17.87 7.21 -12.49
CA ALA A 73 18.29 7.08 -13.92
C ALA A 73 17.63 5.89 -14.64
N ASP A 74 17.56 4.75 -13.95
CA ASP A 74 16.91 3.53 -14.50
C ASP A 74 15.47 3.80 -14.85
N ALA A 75 14.73 4.43 -13.93
CA ALA A 75 13.35 4.78 -14.17
C ALA A 75 13.19 5.73 -15.36
N GLU A 76 13.96 6.80 -15.39
CA GLU A 76 13.92 7.72 -16.55
C GLU A 76 14.12 6.99 -17.88
N ARG A 77 15.17 6.17 -17.97
CA ARG A 77 15.52 5.47 -19.22
C ARG A 77 14.45 4.46 -19.55
N SER A 78 13.94 3.75 -18.53
CA SER A 78 12.98 2.69 -18.77
C SER A 78 11.59 3.24 -19.20
N ILE A 79 11.13 4.30 -18.54
CA ILE A 79 9.93 5.00 -18.96
C ILE A 79 10.08 5.58 -20.38
N LYS A 80 11.20 6.22 -20.66
CA LYS A 80 11.46 6.76 -22.01
C LYS A 80 11.44 5.67 -23.08
N ARG A 81 12.12 4.55 -22.77
CA ARG A 81 12.15 3.43 -23.69
C ARG A 81 10.75 2.89 -24.02
N ILE A 82 9.87 2.78 -23.01
CA ILE A 82 8.52 2.27 -23.20
C ILE A 82 7.69 3.22 -24.06
N ALA A 83 7.86 4.52 -23.82
CA ALA A 83 7.24 5.56 -24.64
C ALA A 83 7.77 5.50 -26.09
N ARG A 84 9.09 5.42 -26.25
CA ARG A 84 9.67 5.30 -27.59
C ARG A 84 9.17 4.04 -28.34
N ALA A 85 8.83 2.96 -27.64
CA ALA A 85 8.25 1.75 -28.26
C ALA A 85 6.79 1.86 -28.71
N GLY A 86 6.13 2.98 -28.43
CA GLY A 86 4.83 3.25 -29.00
C GLY A 86 3.71 3.18 -27.97
N ASN A 87 4.05 2.94 -26.70
CA ASN A 87 3.04 2.93 -25.66
C ASN A 87 2.47 4.31 -25.42
N LYS A 88 1.14 4.40 -25.52
CA LYS A 88 0.42 5.67 -25.43
C LYS A 88 -0.24 5.91 -24.05
N LEU A 89 -0.25 4.88 -23.19
CA LEU A 89 -0.65 5.00 -21.80
C LEU A 89 0.37 4.20 -20.99
N ILE A 90 1.01 4.86 -20.03
CA ILE A 90 2.08 4.23 -19.25
C ILE A 90 1.83 4.39 -17.75
N PHE A 91 1.77 3.27 -17.03
CA PHE A 91 1.55 3.25 -15.59
C PHE A 91 2.90 3.05 -14.89
N THR A 92 3.26 3.98 -14.03
CA THR A 92 4.51 3.93 -13.26
C THR A 92 4.11 3.58 -11.82
N THR A 93 4.45 2.36 -11.39
CA THR A 93 3.73 1.74 -10.26
C THR A 93 4.42 1.79 -8.90
N SER A 94 5.22 2.81 -8.68
CA SER A 94 5.90 2.99 -7.41
C SER A 94 6.13 4.46 -7.13
N PHE A 95 6.11 4.83 -5.87
CA PHE A 95 6.25 6.20 -5.42
C PHE A 95 7.49 6.90 -5.96
N GLY A 96 8.62 6.22 -5.95
CA GLY A 96 9.90 6.83 -6.39
C GLY A 96 9.97 7.15 -7.88
N TYR A 97 8.99 6.68 -8.64
CA TYR A 97 8.89 7.05 -10.04
C TYR A 97 8.22 8.41 -10.24
N MET A 98 7.87 9.11 -9.15
CA MET A 98 7.15 10.38 -9.29
C MET A 98 7.90 11.38 -10.20
N ASP A 99 9.07 11.79 -9.77
CA ASP A 99 9.84 12.79 -10.50
C ASP A 99 10.30 12.31 -11.88
N PRO A 100 10.75 11.05 -11.99
CA PRO A 100 11.04 10.51 -13.32
C PRO A 100 9.84 10.60 -14.28
N THR A 101 8.62 10.38 -13.78
CA THR A 101 7.44 10.40 -14.65
C THR A 101 7.12 11.84 -15.07
N VAL A 102 7.23 12.77 -14.13
CA VAL A 102 7.03 14.20 -14.44
C VAL A 102 8.04 14.65 -15.50
N LYS A 103 9.29 14.25 -15.34
CA LYS A 103 10.32 14.62 -16.29
C LYS A 103 10.07 14.04 -17.66
N VAL A 104 9.82 12.73 -17.72
CA VAL A 104 9.69 12.07 -19.00
C VAL A 104 8.43 12.54 -19.73
N ALA A 105 7.35 12.73 -18.98
CA ALA A 105 6.06 13.19 -19.56
C ALA A 105 6.19 14.44 -20.40
N LYS A 106 7.09 15.34 -19.99
CA LYS A 106 7.35 16.59 -20.70
C LYS A 106 7.87 16.37 -22.12
N LYS A 107 8.55 15.24 -22.34
CA LYS A 107 9.14 14.96 -23.64
C LYS A 107 8.15 14.16 -24.53
N PHE A 108 7.01 13.74 -24.01
CA PHE A 108 6.07 12.92 -24.78
C PHE A 108 4.63 13.38 -24.67
N PRO A 109 4.32 14.49 -25.32
CA PRO A 109 2.99 15.05 -25.17
C PRO A 109 1.87 14.17 -25.73
N ASP A 110 2.15 13.22 -26.62
CA ASP A 110 1.03 12.38 -27.10
C ASP A 110 0.86 11.13 -26.22
N VAL A 111 1.70 10.98 -25.18
CA VAL A 111 1.57 9.81 -24.28
C VAL A 111 0.87 10.26 -23.00
N LYS A 112 0.07 9.38 -22.41
CA LYS A 112 -0.58 9.68 -21.13
C LYS A 112 0.11 8.83 -20.08
N PHE A 113 0.41 9.44 -18.92
CA PHE A 113 1.18 8.83 -17.84
C PHE A 113 0.31 8.72 -16.60
N GLU A 114 0.41 7.64 -15.86
CA GLU A 114 -0.40 7.40 -14.65
C GLU A 114 0.59 6.96 -13.58
N HIS A 115 0.82 7.80 -12.58
CA HIS A 115 1.78 7.50 -11.55
C HIS A 115 1.07 7.05 -10.24
N ALA A 116 1.55 5.94 -9.69
CA ALA A 116 0.96 5.34 -8.50
C ALA A 116 1.46 6.00 -7.22
N THR A 117 0.53 6.55 -6.44
CA THR A 117 0.76 7.04 -5.07
C THR A 117 1.44 8.39 -4.98
N GLY A 118 1.81 8.99 -6.10
CA GLY A 118 2.41 10.31 -6.04
C GLY A 118 1.33 11.40 -5.90
N TYR A 119 1.75 12.64 -5.69
CA TYR A 119 0.84 13.82 -5.61
C TYR A 119 1.10 14.82 -6.74
N LYS A 120 1.93 14.46 -7.71
CA LYS A 120 2.27 15.38 -8.79
C LYS A 120 1.53 14.97 -10.06
N THR A 121 1.01 15.95 -10.79
CA THR A 121 0.38 15.73 -12.08
C THR A 121 0.92 16.74 -13.12
N ALA A 122 0.48 16.58 -14.36
CA ALA A 122 0.84 17.43 -15.47
C ALA A 122 -0.32 17.36 -16.46
N ASP A 123 -0.30 18.16 -17.52
CA ASP A 123 -1.37 18.08 -18.53
C ASP A 123 -1.60 16.69 -19.14
N ASN A 124 -0.54 15.88 -19.20
CA ASN A 124 -0.59 14.49 -19.66
C ASN A 124 -0.15 13.43 -18.60
N MET A 125 -0.31 13.75 -17.32
CA MET A 125 0.08 12.86 -16.20
C MET A 125 -0.96 12.95 -15.08
N SER A 126 -1.52 11.80 -14.71
CA SER A 126 -2.40 11.62 -13.59
C SER A 126 -1.64 10.93 -12.46
N ALA A 127 -2.21 11.06 -11.27
CA ALA A 127 -1.66 10.51 -10.06
C ALA A 127 -2.76 9.75 -9.39
N TYR A 128 -2.48 8.51 -9.08
CA TYR A 128 -3.46 7.67 -8.45
C TYR A 128 -2.92 7.09 -7.17
N ASN A 129 -3.56 7.49 -6.07
CA ASN A 129 -3.16 7.11 -4.72
C ASN A 129 -4.29 6.35 -4.00
N ALA A 130 -3.94 5.42 -3.11
CA ALA A 130 -4.91 4.64 -2.35
C ALA A 130 -4.73 4.94 -0.88
N ARG A 131 -5.84 5.04 -0.15
CA ARG A 131 -5.76 5.21 1.30
C ARG A 131 -5.47 3.88 1.99
N PHE A 132 -4.26 3.34 1.78
CA PHE A 132 -3.90 2.07 2.38
C PHE A 132 -4.08 2.05 3.90
N TYR A 133 -3.87 3.20 4.53
CA TYR A 133 -3.95 3.34 5.99
C TYR A 133 -5.35 3.00 6.53
N GLU A 134 -6.37 2.95 5.67
CA GLU A 134 -7.68 2.53 6.09
C GLU A 134 -7.67 1.06 6.46
N GLY A 135 -6.99 0.24 5.64
CA GLY A 135 -6.77 -1.18 5.93
C GLY A 135 -5.90 -1.38 7.13
N ARG A 136 -4.92 -0.53 7.32
CA ARG A 136 -4.04 -0.65 8.48
C ARG A 136 -4.83 -0.53 9.78
N TYR A 137 -5.87 0.30 9.79
CA TYR A 137 -6.63 0.53 11.00
C TYR A 137 -7.32 -0.74 11.41
N VAL A 138 -8.00 -1.37 10.46
CA VAL A 138 -8.61 -2.65 10.67
C VAL A 138 -7.62 -3.70 11.17
N GLN A 139 -6.42 -3.75 10.56
CA GLN A 139 -5.42 -4.71 11.02
C GLN A 139 -4.99 -4.42 12.46
N GLY A 140 -4.95 -3.15 12.85
CA GLY A 140 -4.53 -2.78 14.18
C GLY A 140 -5.56 -3.27 15.19
N VAL A 141 -6.83 -3.09 14.86
CA VAL A 141 -7.92 -3.59 15.69
C VAL A 141 -7.74 -5.10 15.89
N ILE A 142 -7.52 -5.82 14.80
CA ILE A 142 -7.37 -7.28 14.86
C ILE A 142 -6.16 -7.63 15.69
N ALA A 143 -5.04 -6.95 15.45
CA ALA A 143 -3.81 -7.22 16.13
C ALA A 143 -3.97 -7.10 17.65
N ALA A 144 -4.65 -6.04 18.08
CA ALA A 144 -4.88 -5.82 19.51
C ALA A 144 -5.81 -6.87 20.14
N LYS A 145 -6.79 -7.38 19.39
CA LYS A 145 -7.58 -8.52 19.86
C LYS A 145 -6.80 -9.81 19.87
N MET A 146 -5.87 -10.04 18.93
CA MET A 146 -5.20 -11.31 18.82
C MET A 146 -3.92 -11.44 19.67
N SER A 147 -3.13 -10.38 19.76
CA SER A 147 -1.83 -10.47 20.39
C SER A 147 -2.02 -10.56 21.91
N LYS A 148 -1.57 -11.66 22.51
CA LYS A 148 -1.65 -11.82 23.95
C LYS A 148 -0.62 -10.92 24.67
N LYS A 149 0.52 -10.67 24.03
CA LYS A 149 1.57 -9.80 24.58
C LYS A 149 1.29 -8.33 24.34
N GLY A 150 0.46 -8.04 23.34
CA GLY A 150 0.25 -6.66 22.94
C GLY A 150 1.45 -6.07 22.20
N ILE A 151 2.16 -6.89 21.44
CA ILE A 151 3.31 -6.41 20.66
C ILE A 151 3.31 -6.97 19.24
N ALA A 152 3.40 -6.07 18.26
CA ALA A 152 3.54 -6.41 16.86
C ALA A 152 4.92 -6.04 16.31
N GLY A 153 5.43 -6.87 15.42
CA GLY A 153 6.61 -6.52 14.62
C GLY A 153 6.23 -5.85 13.34
N TYR A 154 6.84 -4.71 13.06
CA TYR A 154 6.48 -3.94 11.86
C TYR A 154 7.70 -3.79 10.98
N ILE A 155 7.61 -4.29 9.76
CA ILE A 155 8.74 -4.28 8.82
C ILE A 155 8.53 -3.10 7.87
N GLY A 156 9.30 -2.03 8.09
CA GLY A 156 9.17 -0.82 7.33
C GLY A 156 10.02 -0.91 6.09
N SER A 157 9.57 -0.23 5.03
CA SER A 157 10.32 -0.12 3.77
C SER A 157 11.22 1.10 3.86
N VAL A 158 10.68 2.24 3.41
CA VAL A 158 11.38 3.52 3.49
C VAL A 158 10.43 4.47 4.22
N PRO A 159 10.98 5.39 5.02
CA PRO A 159 10.15 6.25 5.86
C PRO A 159 9.50 7.43 5.10
N VAL A 160 8.80 7.14 4.01
CA VAL A 160 8.08 8.18 3.32
C VAL A 160 6.70 8.35 3.99
N PRO A 161 5.99 9.46 3.70
CA PRO A 161 4.72 9.69 4.40
C PRO A 161 3.70 8.55 4.29
N GLU A 162 3.60 7.90 3.14
CA GLU A 162 2.69 6.73 3.03
C GLU A 162 2.96 5.65 4.12
N VAL A 163 4.23 5.42 4.42
CA VAL A 163 4.60 4.40 5.40
C VAL A 163 4.34 4.89 6.82
N VAL A 164 4.65 6.16 7.09
CA VAL A 164 4.38 6.74 8.40
C VAL A 164 2.87 6.75 8.68
N GLN A 165 2.06 7.16 7.70
CA GLN A 165 0.61 7.01 7.81
C GLN A 165 0.20 5.61 8.26
N GLY A 166 0.78 4.59 7.64
CA GLY A 166 0.39 3.20 7.86
C GLY A 166 0.72 2.71 9.24
N ILE A 167 1.90 3.08 9.72
CA ILE A 167 2.32 2.76 11.07
C ILE A 167 1.39 3.45 12.06
N ASN A 168 1.12 4.74 11.83
CA ASN A 168 0.27 5.52 12.74
C ASN A 168 -1.13 4.99 12.77
N SER A 169 -1.70 4.71 11.60
CA SER A 169 -3.04 4.16 11.54
C SER A 169 -3.18 2.80 12.23
N PHE A 170 -2.22 1.92 11.99
CA PHE A 170 -2.16 0.62 12.64
C PHE A 170 -2.17 0.74 14.18
N MET A 171 -1.35 1.65 14.70
CA MET A 171 -1.26 1.88 16.13
C MET A 171 -2.60 2.42 16.68
N LEU A 172 -3.19 3.40 15.98
CA LEU A 172 -4.46 3.98 16.44
C LEU A 172 -5.55 2.88 16.49
N GLY A 173 -5.60 2.03 15.47
CA GLY A 173 -6.51 0.88 15.46
C GLY A 173 -6.29 -0.02 16.67
N ALA A 174 -5.04 -0.42 16.89
CA ALA A 174 -4.70 -1.26 18.05
C ALA A 174 -5.10 -0.58 19.36
N GLN A 175 -4.81 0.71 19.47
CA GLN A 175 -5.09 1.47 20.67
C GLN A 175 -6.56 1.68 20.94
N SER A 176 -7.45 1.40 19.97
CA SER A 176 -8.88 1.42 20.23
C SER A 176 -9.35 0.14 20.92
N VAL A 177 -8.43 -0.80 21.14
CA VAL A 177 -8.68 -2.01 21.90
C VAL A 177 -7.74 -2.08 23.11
N ASN A 178 -6.44 -2.06 22.84
CA ASN A 178 -5.42 -2.14 23.88
C ASN A 178 -4.60 -0.82 23.89
N PRO A 179 -4.85 0.05 24.89
CA PRO A 179 -4.17 1.35 24.88
C PRO A 179 -2.67 1.22 25.00
N ASP A 180 -2.22 0.08 25.52
CA ASP A 180 -0.83 -0.16 25.77
C ASP A 180 -0.14 -0.90 24.64
N PHE A 181 -0.81 -1.10 23.50
CA PHE A 181 -0.23 -1.83 22.38
C PHE A 181 1.09 -1.18 21.94
N ARG A 182 2.07 -2.04 21.60
CA ARG A 182 3.36 -1.57 21.12
C ARG A 182 3.68 -2.21 19.78
N VAL A 183 4.46 -1.48 18.97
CA VAL A 183 5.14 -2.05 17.80
C VAL A 183 6.65 -1.91 17.91
N LYS A 184 7.36 -2.90 17.35
CA LYS A 184 8.81 -2.83 17.15
C LYS A 184 9.05 -2.71 15.66
N VAL A 185 9.72 -1.63 15.24
CA VAL A 185 9.91 -1.37 13.83
C VAL A 185 11.32 -1.67 13.40
N ILE A 186 11.46 -2.41 12.31
CA ILE A 186 12.76 -2.57 11.65
C ILE A 186 12.64 -2.04 10.23
N TRP A 187 13.58 -1.18 9.81
CA TRP A 187 13.53 -0.60 8.45
C TRP A 187 14.39 -1.44 7.50
N VAL A 188 13.81 -1.80 6.36
CA VAL A 188 14.52 -2.57 5.30
C VAL A 188 15.28 -1.62 4.36
N ASN A 189 14.75 -0.39 4.25
CA ASN A 189 15.30 0.68 3.42
C ASN A 189 15.12 0.48 1.92
N SER A 190 14.16 -0.37 1.54
CA SER A 190 13.68 -0.39 0.18
C SER A 190 12.34 -1.08 0.18
N TRP A 191 11.64 -1.04 -0.96
CA TRP A 191 10.33 -1.61 -1.03
C TRP A 191 10.39 -3.11 -1.15
N PHE A 192 11.33 -3.61 -1.95
CA PHE A 192 11.42 -5.01 -2.28
C PHE A 192 12.84 -5.47 -2.03
N ASP A 193 13.03 -6.37 -1.06
CA ASP A 193 14.34 -6.93 -0.77
C ASP A 193 14.07 -8.16 0.07
N PRO A 194 13.69 -9.26 -0.60
CA PRO A 194 13.23 -10.43 0.16
C PRO A 194 14.22 -10.91 1.23
N GLY A 195 15.50 -10.77 1.01
CA GLY A 195 16.53 -11.21 2.00
C GLY A 195 16.41 -10.43 3.30
N LYS A 196 16.39 -9.10 3.18
CA LYS A 196 16.26 -8.23 4.33
C LYS A 196 14.89 -8.30 5.00
N GLU A 197 13.83 -8.50 4.18
CA GLU A 197 12.47 -8.69 4.70
C GLU A 197 12.39 -9.93 5.62
N ALA A 198 13.00 -11.03 5.18
CA ALA A 198 13.09 -12.28 5.94
C ALA A 198 13.91 -12.04 7.18
N ASP A 199 15.09 -11.46 7.02
CA ASP A 199 15.93 -11.19 8.20
C ASP A 199 15.17 -10.36 9.23
N ALA A 200 14.43 -9.34 8.78
CA ALA A 200 13.69 -8.47 9.71
C ALA A 200 12.62 -9.23 10.50
N ALA A 201 11.86 -10.08 9.81
CA ALA A 201 10.87 -10.92 10.44
C ALA A 201 11.48 -11.86 11.51
N LYS A 202 12.60 -12.50 11.18
CA LYS A 202 13.27 -13.39 12.11
C LYS A 202 13.74 -12.60 13.33
N ALA A 203 14.36 -11.45 13.12
CA ALA A 203 14.80 -10.63 14.23
C ALA A 203 13.62 -10.19 15.09
N LEU A 204 12.50 -9.81 14.48
CA LEU A 204 11.34 -9.37 15.29
C LEU A 204 10.71 -10.52 16.08
N ILE A 205 10.57 -11.68 15.46
CA ILE A 205 10.04 -12.87 16.15
C ILE A 205 11.01 -13.33 17.23
N ASP A 206 12.32 -13.26 16.98
CA ASP A 206 13.31 -13.64 18.01
C ASP A 206 13.23 -12.68 19.19
N GLN A 207 12.85 -11.42 18.94
CA GLN A 207 12.71 -10.42 19.99
C GLN A 207 11.35 -10.49 20.72
N GLY A 208 10.49 -11.44 20.35
CA GLY A 208 9.28 -11.76 21.12
C GLY A 208 7.94 -11.22 20.63
N VAL A 209 7.89 -10.60 19.44
CA VAL A 209 6.60 -10.10 18.93
C VAL A 209 5.72 -11.29 18.59
N ASP A 210 4.40 -11.13 18.70
CA ASP A 210 3.53 -12.25 18.35
C ASP A 210 2.59 -11.97 17.17
N ILE A 211 2.77 -10.81 16.52
CA ILE A 211 2.11 -10.47 15.25
C ILE A 211 3.15 -9.85 14.30
N ILE A 212 3.09 -10.17 13.00
CA ILE A 212 3.99 -9.59 11.98
C ILE A 212 3.20 -8.84 10.93
N THR A 213 3.67 -7.67 10.59
CA THR A 213 3.08 -6.92 9.52
C THR A 213 4.17 -6.13 8.83
N GLN A 214 3.87 -5.65 7.63
CA GLN A 214 4.91 -5.03 6.79
C GLN A 214 4.41 -3.94 5.86
N HIS A 215 5.33 -3.07 5.43
CA HIS A 215 5.10 -2.20 4.29
C HIS A 215 6.13 -2.41 3.16
N THR A 216 6.70 -3.62 3.13
CA THR A 216 7.52 -4.06 2.01
C THR A 216 6.68 -4.96 1.09
N ASP A 217 7.26 -5.35 -0.04
CA ASP A 217 6.49 -5.84 -1.21
C ASP A 217 6.29 -7.34 -1.31
N SER A 218 7.08 -8.12 -0.56
CA SER A 218 7.17 -9.55 -0.87
C SER A 218 6.52 -10.41 0.20
N THR A 219 6.37 -11.68 -0.13
CA THR A 219 5.92 -12.71 0.82
C THR A 219 7.01 -13.26 1.75
N ALA A 220 8.23 -12.71 1.72
CA ALA A 220 9.33 -13.28 2.54
C ALA A 220 9.00 -13.32 4.04
N ALA A 221 8.53 -12.21 4.59
CA ALA A 221 8.25 -12.14 6.05
C ALA A 221 7.10 -13.03 6.47
N ILE A 222 6.03 -13.10 5.66
CA ILE A 222 4.88 -13.90 6.06
C ILE A 222 5.16 -15.39 6.06
N GLN A 223 6.04 -15.85 5.17
CA GLN A 223 6.46 -17.25 5.20
C GLN A 223 7.32 -17.50 6.42
N VAL A 224 8.20 -16.56 6.78
CA VAL A 224 8.99 -16.72 8.00
C VAL A 224 8.05 -16.84 9.20
N ALA A 225 7.09 -15.90 9.28
CA ALA A 225 6.11 -15.92 10.36
C ALA A 225 5.37 -17.27 10.36
N HIS A 226 4.95 -17.73 9.18
CA HIS A 226 4.21 -18.98 9.12
C HIS A 226 5.10 -20.13 9.60
N ASP A 227 6.33 -20.18 9.07
CA ASP A 227 7.36 -21.14 9.55
C ASP A 227 7.51 -21.14 11.07
N ARG A 228 7.38 -19.99 11.72
CA ARG A 228 7.43 -19.92 13.20
C ARG A 228 6.06 -19.98 13.92
N GLY A 229 4.98 -20.25 13.21
CA GLY A 229 3.63 -20.24 13.79
C GLY A 229 3.15 -18.89 14.33
N ILE A 230 3.68 -17.79 13.78
CA ILE A 230 3.32 -16.42 14.18
C ILE A 230 2.35 -15.83 13.17
N LYS A 231 1.25 -15.29 13.69
CA LYS A 231 0.19 -14.77 12.86
C LYS A 231 0.59 -13.41 12.26
N ALA A 232 0.11 -13.14 11.06
CA ALA A 232 0.63 -12.01 10.27
C ALA A 232 -0.43 -11.42 9.34
N PHE A 233 -0.15 -10.25 8.79
CA PHE A 233 -1.02 -9.66 7.76
C PHE A 233 -0.32 -9.67 6.41
N GLY A 234 -1.03 -10.06 5.36
CA GLY A 234 -0.53 -9.88 4.02
C GLY A 234 -0.58 -8.45 3.57
N GLN A 235 0.18 -8.15 2.52
CA GLN A 235 0.36 -6.81 2.03
C GLN A 235 0.15 -6.75 0.55
N ALA A 236 -0.77 -5.87 0.12
CA ALA A 236 -1.03 -5.58 -1.28
C ALA A 236 -1.91 -6.65 -1.88
N SER A 237 -1.49 -7.90 -1.67
CA SER A 237 -2.18 -9.08 -2.15
C SER A 237 -2.66 -9.91 -1.01
N ASP A 238 -3.69 -10.73 -1.27
CA ASP A 238 -4.09 -11.77 -0.31
C ASP A 238 -3.01 -12.84 -0.35
N MET A 239 -2.22 -12.96 0.73
CA MET A 239 -1.08 -13.88 0.80
C MET A 239 -1.39 -15.17 1.54
N ILE A 240 -2.67 -15.51 1.63
CA ILE A 240 -3.13 -16.67 2.38
C ILE A 240 -2.40 -17.97 1.96
N LYS A 241 -2.17 -18.16 0.65
CA LYS A 241 -1.56 -19.40 0.16
C LYS A 241 -0.16 -19.63 0.75
N PHE A 242 0.53 -18.54 1.12
CA PHE A 242 1.85 -18.62 1.74
C PHE A 242 1.82 -18.74 3.27
N ALA A 243 0.63 -18.67 3.87
CA ALA A 243 0.49 -18.67 5.31
C ALA A 243 -0.95 -19.08 5.66
N PRO A 244 -1.36 -20.29 5.25
CA PRO A 244 -2.77 -20.69 5.25
C PRO A 244 -3.41 -20.69 6.62
N ASP A 245 -2.67 -21.07 7.65
CA ASP A 245 -3.22 -21.08 8.99
C ASP A 245 -2.75 -19.90 9.84
N THR A 246 -1.99 -18.95 9.26
CA THR A 246 -1.51 -17.84 10.09
C THR A 246 -1.80 -16.43 9.56
N GLN A 247 -2.13 -16.28 8.27
CA GLN A 247 -2.59 -14.97 7.81
C GLN A 247 -3.94 -14.66 8.43
N LEU A 248 -4.05 -13.46 9.00
CA LEU A 248 -5.30 -12.99 9.62
C LEU A 248 -6.19 -12.30 8.59
N THR A 249 -5.56 -11.49 7.76
CA THR A 249 -6.19 -10.83 6.62
C THR A 249 -5.08 -10.08 5.91
N ALA A 250 -5.45 -9.22 4.98
CA ALA A 250 -4.49 -8.43 4.21
C ALA A 250 -5.20 -7.20 3.66
N VAL A 251 -4.46 -6.10 3.52
CA VAL A 251 -4.92 -4.91 2.83
C VAL A 251 -4.66 -5.08 1.33
N VAL A 252 -5.74 -5.28 0.54
CA VAL A 252 -5.63 -5.69 -0.83
C VAL A 252 -5.86 -4.46 -1.70
N ASP A 253 -5.00 -4.30 -2.69
CA ASP A 253 -5.00 -3.13 -3.57
C ASP A 253 -5.76 -3.53 -4.82
N GLU A 254 -6.88 -2.87 -5.12
CA GLU A 254 -7.66 -3.28 -6.31
C GLU A 254 -7.45 -2.31 -7.49
N TRP A 255 -6.40 -2.53 -8.26
CA TRP A 255 -6.06 -1.58 -9.31
C TRP A 255 -6.84 -1.83 -10.60
N GLY A 256 -7.39 -3.03 -10.77
CA GLY A 256 -7.91 -3.45 -12.07
C GLY A 256 -9.00 -2.58 -12.66
N PRO A 257 -10.06 -2.29 -11.88
CA PRO A 257 -11.10 -1.42 -12.40
C PRO A 257 -10.59 -0.05 -12.81
N TYR A 258 -9.64 0.49 -12.04
CA TYR A 258 -9.05 1.78 -12.36
C TYR A 258 -8.28 1.72 -13.67
N TYR A 259 -7.45 0.68 -13.83
CA TYR A 259 -6.67 0.53 -15.06
C TYR A 259 -7.58 0.37 -16.28
N ILE A 260 -8.65 -0.39 -16.14
CA ILE A 260 -9.59 -0.55 -17.24
C ILE A 260 -10.24 0.80 -17.57
N ASP A 261 -10.70 1.54 -16.56
CA ASP A 261 -11.38 2.83 -16.80
C ASP A 261 -10.47 3.81 -17.57
N ARG A 262 -9.23 3.94 -17.14
CA ARG A 262 -8.27 4.83 -17.77
C ARG A 262 -7.88 4.40 -19.17
N ALA A 263 -7.75 3.09 -19.43
CA ALA A 263 -7.49 2.60 -20.78
C ALA A 263 -8.67 2.89 -21.70
N LYS A 264 -9.88 2.68 -21.18
CA LYS A 264 -11.11 3.04 -21.91
C LYS A 264 -11.14 4.54 -22.24
N ALA A 265 -10.72 5.36 -21.27
CA ALA A 265 -10.68 6.82 -21.46
C ALA A 265 -9.68 7.21 -22.55
N VAL A 266 -8.56 6.50 -22.65
CA VAL A 266 -7.62 6.75 -23.74
C VAL A 266 -8.23 6.32 -25.10
N LEU A 267 -8.75 5.10 -25.16
CA LEU A 267 -9.44 4.60 -26.33
C LEU A 267 -10.58 5.51 -26.80
N ASP A 268 -11.38 6.05 -25.90
CA ASP A 268 -12.50 6.90 -26.34
C ASP A 268 -12.18 8.40 -26.46
N GLY A 269 -10.94 8.79 -26.15
CA GLY A 269 -10.49 10.18 -26.29
C GLY A 269 -10.90 11.14 -25.20
N THR A 270 -11.39 10.64 -24.06
CA THR A 270 -11.85 11.47 -22.96
C THR A 270 -10.83 11.50 -21.77
N TRP A 271 -9.63 10.94 -21.92
CA TRP A 271 -8.68 10.87 -20.81
C TRP A 271 -8.22 12.28 -20.53
N LYS A 272 -8.36 12.67 -19.28
CA LYS A 272 -7.86 13.95 -18.80
C LYS A 272 -7.11 13.75 -17.49
N SER A 273 -6.11 14.61 -17.28
CA SER A 273 -5.27 14.60 -16.08
C SER A 273 -6.11 14.80 -14.82
N GLN A 274 -5.80 14.00 -13.79
CA GLN A 274 -6.48 14.03 -12.52
C GLN A 274 -5.54 13.50 -11.44
N ASN A 275 -5.73 14.01 -10.24
CA ASN A 275 -5.07 13.56 -9.02
C ASN A 275 -6.17 13.02 -8.08
N ILE A 276 -6.05 11.75 -7.71
CA ILE A 276 -7.08 11.11 -6.88
C ILE A 276 -6.44 10.37 -5.71
N TRP A 277 -7.15 10.35 -4.60
CA TRP A 277 -6.74 9.58 -3.46
C TRP A 277 -7.97 8.90 -2.95
N TRP A 278 -8.06 7.60 -3.21
CA TRP A 278 -9.28 6.88 -2.91
C TRP A 278 -9.00 5.74 -1.93
N GLY A 279 -10.05 5.30 -1.24
CA GLY A 279 -9.94 4.26 -0.21
C GLY A 279 -10.99 3.19 -0.35
N MET A 280 -11.52 2.77 0.79
CA MET A 280 -12.45 1.65 0.81
C MET A 280 -13.80 2.01 0.17
N LYS A 281 -14.28 3.23 0.43
CA LYS A 281 -15.59 3.67 -0.06
C LYS A 281 -15.63 3.59 -1.56
N GLU A 282 -14.54 4.04 -2.19
CA GLU A 282 -14.44 4.14 -3.62
C GLU A 282 -14.03 2.80 -4.24
N GLY A 283 -13.56 1.87 -3.42
CA GLY A 283 -13.24 0.53 -3.86
C GLY A 283 -11.81 0.22 -4.27
N LEU A 284 -10.87 1.12 -3.96
CA LEU A 284 -9.51 0.97 -4.42
C LEU A 284 -8.74 0.10 -3.41
N VAL A 285 -9.20 0.09 -2.17
CA VAL A 285 -8.63 -0.72 -1.11
C VAL A 285 -9.75 -1.58 -0.50
N LYS A 286 -9.45 -2.85 -0.26
CA LYS A 286 -10.37 -3.81 0.36
C LYS A 286 -9.60 -4.71 1.32
N MET A 287 -10.26 -5.27 2.33
CA MET A 287 -9.63 -6.31 3.16
C MET A 287 -9.78 -7.68 2.52
N ALA A 288 -8.74 -8.52 2.63
CA ALA A 288 -8.86 -9.93 2.31
C ALA A 288 -9.82 -10.61 3.29
N PRO A 289 -10.26 -11.85 3.00
CA PRO A 289 -11.09 -12.49 4.01
C PRO A 289 -10.39 -12.53 5.37
N PHE A 290 -11.20 -12.55 6.42
CA PHE A 290 -10.76 -12.60 7.79
C PHE A 290 -10.67 -14.06 8.25
N THR A 291 -9.44 -14.54 8.45
CA THR A 291 -9.19 -15.94 8.67
C THR A 291 -8.40 -16.14 9.95
N ASN A 292 -8.44 -17.36 10.48
CA ASN A 292 -7.54 -17.74 11.56
C ASN A 292 -7.69 -16.87 12.78
N MET A 293 -8.94 -16.56 13.13
CA MET A 293 -9.24 -15.69 14.27
C MET A 293 -10.62 -16.07 14.77
N PRO A 294 -10.96 -15.74 16.03
CA PRO A 294 -12.30 -16.06 16.53
C PRO A 294 -13.41 -15.30 15.81
N ASP A 295 -14.62 -15.86 15.80
CA ASP A 295 -15.74 -15.24 15.13
C ASP A 295 -16.05 -13.80 15.56
N ASP A 296 -15.80 -13.47 16.83
CA ASP A 296 -16.11 -12.12 17.30
C ASP A 296 -15.10 -11.14 16.78
N VAL A 297 -13.87 -11.60 16.55
CA VAL A 297 -12.83 -10.73 15.99
C VAL A 297 -13.12 -10.46 14.51
N LYS A 298 -13.56 -11.49 13.78
CA LYS A 298 -14.04 -11.32 12.40
C LYS A 298 -15.26 -10.37 12.33
N LYS A 299 -16.21 -10.50 13.23
CA LYS A 299 -17.36 -9.61 13.26
C LYS A 299 -16.93 -8.16 13.46
N LEU A 300 -15.97 -7.94 14.34
CA LEU A 300 -15.48 -6.60 14.62
C LEU A 300 -14.67 -6.03 13.46
N ALA A 301 -13.86 -6.88 12.83
CA ALA A 301 -13.14 -6.47 11.63
C ALA A 301 -14.11 -6.04 10.54
N GLU A 302 -15.14 -6.86 10.31
CA GLU A 302 -16.22 -6.50 9.34
C GLU A 302 -16.87 -5.18 9.65
N GLU A 303 -17.24 -5.00 10.92
CA GLU A 303 -17.87 -3.77 11.37
C GLU A 303 -16.95 -2.57 11.18
N THR A 304 -15.67 -2.74 11.44
CA THR A 304 -14.74 -1.62 11.31
C THR A 304 -14.55 -1.21 9.86
N GLU A 305 -14.38 -2.19 8.99
CA GLU A 305 -14.23 -1.94 7.55
C GLU A 305 -15.49 -1.27 7.04
N ALA A 306 -16.64 -1.74 7.52
CA ALA A 306 -17.92 -1.22 7.07
C ALA A 306 -18.07 0.24 7.46
N ARG A 307 -17.58 0.60 8.65
CA ARG A 307 -17.70 1.98 9.11
C ARG A 307 -16.78 2.93 8.35
N ILE A 308 -15.60 2.44 7.97
CA ILE A 308 -14.67 3.21 7.13
C ILE A 308 -15.27 3.35 5.71
N LYS A 309 -15.79 2.25 5.19
CA LYS A 309 -16.32 2.21 3.84
C LYS A 309 -17.53 3.14 3.67
N SER A 310 -18.34 3.31 4.73
CA SER A 310 -19.49 4.21 4.68
C SER A 310 -19.11 5.69 4.83
N GLY A 311 -17.93 5.99 5.38
CA GLY A 311 -17.55 7.38 5.73
C GLY A 311 -17.71 7.77 7.19
N GLU A 312 -18.21 6.86 8.03
CA GLU A 312 -18.36 7.15 9.44
C GLU A 312 -17.02 7.18 10.18
N LEU A 313 -16.10 6.25 9.87
CA LEU A 313 -14.85 6.17 10.61
C LEU A 313 -13.72 6.64 9.72
N ASN A 314 -12.98 7.62 10.23
CA ASN A 314 -11.72 8.03 9.68
C ASN A 314 -10.67 7.83 10.75
N PRO A 315 -9.78 6.85 10.56
CA PRO A 315 -8.69 6.55 11.46
C PRO A 315 -8.03 7.78 12.04
N PHE A 316 -7.75 8.80 11.23
CA PHE A 316 -7.12 10.02 11.74
C PHE A 316 -8.13 11.06 12.19
N THR A 317 -8.81 10.74 13.29
CA THR A 317 -9.80 11.61 13.95
C THR A 317 -9.46 11.68 15.42
N GLY A 318 -9.31 12.88 15.95
CA GLY A 318 -8.91 13.10 17.33
C GLY A 318 -9.87 12.56 18.39
N PRO A 319 -9.44 12.56 19.66
CA PRO A 319 -8.20 13.14 20.17
C PRO A 319 -7.00 12.28 19.80
N ILE A 320 -5.92 12.89 19.32
CA ILE A 320 -4.67 12.16 19.00
C ILE A 320 -3.48 13.04 19.37
N LYS A 321 -2.54 12.47 20.14
CA LYS A 321 -1.29 13.17 20.46
C LYS A 321 -0.11 12.61 19.64
N LYS A 322 0.93 13.42 19.45
CA LYS A 322 2.15 13.00 18.77
C LYS A 322 3.11 12.26 19.73
N GLN A 323 4.14 11.63 19.16
CA GLN A 323 5.14 10.87 19.92
C GLN A 323 5.82 11.75 20.99
N ASP A 324 6.10 13.01 20.64
CA ASP A 324 6.72 13.95 21.56
C ASP A 324 5.76 14.58 22.57
N GLY A 325 4.52 14.09 22.64
CA GLY A 325 3.56 14.56 23.66
C GLY A 325 2.60 15.69 23.28
N SER A 326 2.95 16.49 22.26
CA SER A 326 2.08 17.59 21.81
C SER A 326 0.77 17.05 21.21
N GLU A 327 -0.31 17.83 21.32
CA GLU A 327 -1.59 17.43 20.70
C GLU A 327 -1.46 17.54 19.18
N TRP A 328 -2.08 16.60 18.46
CA TRP A 328 -2.19 16.74 17.00
C TRP A 328 -3.61 17.13 16.67
N LEU A 329 -4.56 16.28 17.02
CA LEU A 329 -5.94 16.50 16.65
C LEU A 329 -6.83 16.57 17.88
N LYS A 330 -7.75 17.53 17.87
CA LYS A 330 -8.70 17.74 18.97
C LYS A 330 -9.76 16.66 18.88
N ALA A 331 -10.43 16.40 20.01
CA ALA A 331 -11.58 15.50 20.05
C ALA A 331 -12.50 15.70 18.84
N GLY A 332 -12.74 14.62 18.09
CA GLY A 332 -13.64 14.67 16.92
C GLY A 332 -13.10 15.34 15.68
N GLU A 333 -11.89 15.90 15.73
CA GLU A 333 -11.31 16.61 14.57
C GLU A 333 -10.60 15.66 13.60
N LYS A 334 -11.05 15.68 12.34
CA LYS A 334 -10.50 14.86 11.27
C LYS A 334 -9.26 15.53 10.68
N ALA A 335 -8.21 14.74 10.41
CA ALA A 335 -7.02 15.25 9.72
C ALA A 335 -7.31 15.80 8.34
N ASP A 336 -6.55 16.83 7.94
CA ASP A 336 -6.54 17.26 6.54
C ASP A 336 -5.64 16.32 5.77
N ASP A 337 -6.06 16.01 4.55
CA ASP A 337 -5.30 15.12 3.67
C ASP A 337 -3.93 15.69 3.40
N GLN A 338 -3.82 17.01 3.27
CA GLN A 338 -2.50 17.61 3.07
C GLN A 338 -1.52 17.26 4.21
N THR A 339 -2.01 17.18 5.45
CA THR A 339 -1.14 16.79 6.57
C THR A 339 -0.68 15.35 6.43
N LEU A 340 -1.60 14.46 6.04
CA LEU A 340 -1.25 13.05 5.85
C LEU A 340 -0.18 12.88 4.77
N LEU A 341 -0.27 13.69 3.72
CA LEU A 341 0.54 13.47 2.52
C LEU A 341 1.99 13.86 2.78
N GLY A 342 2.19 14.71 3.77
CA GLY A 342 3.54 15.05 4.21
C GLY A 342 3.90 14.45 5.55
N MET A 343 3.12 13.48 6.04
CA MET A 343 3.26 12.98 7.43
C MET A 343 4.69 12.52 7.76
N ASN A 344 5.29 13.17 8.74
CA ASN A 344 6.67 12.89 9.13
C ASN A 344 6.85 12.85 10.66
N PHE A 345 5.80 12.43 11.35
CA PHE A 345 5.82 12.26 12.80
C PHE A 345 4.99 11.03 13.16
N TYR A 346 5.27 10.45 14.32
CA TYR A 346 4.51 9.32 14.82
C TYR A 346 3.48 9.81 15.81
N VAL A 347 2.43 9.03 16.00
CA VAL A 347 1.47 9.30 17.08
C VAL A 347 2.04 8.76 18.40
N ALA A 348 1.44 9.17 19.53
CA ALA A 348 1.82 8.66 20.85
C ALA A 348 1.70 7.15 20.89
N GLY A 349 2.72 6.51 21.47
CA GLY A 349 2.76 5.07 21.67
C GLY A 349 3.77 4.35 20.78
N VAL A 350 4.19 5.00 19.70
CA VAL A 350 5.19 4.43 18.82
C VAL A 350 6.57 4.70 19.45
N ASP A 351 7.45 3.72 19.37
CA ASP A 351 8.77 3.84 20.02
C ASP A 351 9.90 4.18 19.04
N ASP A 352 9.65 4.01 17.75
CA ASP A 352 10.66 4.23 16.72
C ASP A 352 11.10 5.72 16.57
N LYS A 353 12.35 5.94 16.15
CA LYS A 353 12.82 7.30 15.84
C LYS A 353 12.73 7.42 14.34
N LEU A 354 12.02 8.43 13.86
CA LEU A 354 11.81 8.57 12.44
C LEU A 354 13.12 9.06 11.76
N PRO A 355 13.64 8.28 10.77
CA PRO A 355 14.82 8.66 9.96
C PRO A 355 14.69 10.01 9.25
#